data_6OAG
#
_entry.id   6OAG
#
_cell.length_a   111.350
_cell.length_b   111.350
_cell.length_c   76.860
_cell.angle_alpha   90.00
_cell.angle_beta   90.00
_cell.angle_gamma   90.00
#
_symmetry.space_group_name_H-M   'P 41 21 2'
#
loop_
_entity.id
_entity.type
_entity.pdbx_description
1 polymer 'Farnesyl pyrophosphate synthase'
2 non-polymer '[(1S)-1-{[6-(3-chloro-4-methylphenyl)thieno[2,3-d]pyrimidin-4-yl]amino}-2-phenylethyl]phosphonic acid'
3 non-polymer 'PHOSPHATE ION'
4 water water
#
_entity_poly.entity_id   1
_entity_poly.type   'polypeptide(L)'
_entity_poly.pdbx_seq_one_letter_code
;MGSSHHHHHHSSGRENLYFQGHMNGDQNSDVYAQEKQDFVQHFSQIVRVLTEDEMGHPEIGDAIARLKEVLEYNAIGGKY
NRGLTVVVAFRELVEPRKQDADSLQRAWTVGWCVELLQAFFLVADDIMDSSLTRRGQICWYQKPGVGLDAINDANLLEAC
IYRLLKLYCREQPYYLNLIELFLQSSYQTEIGQTLDLLTAPQGNVDLVRFTEKRYKSIVKYKTAFYSFYLPIAAAMYMAG
IDGEKEHANAKKILLEMGEFFQIQDDYLDLFGDPSVTGKIGTDIQDNKCSWLVVQCLQRATPEQYQILKENYGQKEAEKV
ARVKALYEELDLPAVFLQYEEDSYSHIMALIEQYAAPLPPAVFLGLARKIYKRRK
;
_entity_poly.pdbx_strand_id   F
#
loop_
_chem_comp.id
_chem_comp.type
_chem_comp.name
_chem_comp.formula
M2Y non-polymer '[(1S)-1-{[6-(3-chloro-4-methylphenyl)thieno[2,3-d]pyrimidin-4-yl]amino}-2-phenylethyl]phosphonic acid' 'C21 H19 Cl N3 O3 P S'
PO4 non-polymer 'PHOSPHATE ION' 'O4 P -3'
#
# COMPACT_ATOMS: atom_id res chain seq x y z
N ASP A 30 -19.63 -2.97 -7.78
CA ASP A 30 -18.15 -2.75 -7.97
C ASP A 30 -17.61 -3.77 -8.98
N VAL A 31 -17.00 -3.27 -10.06
CA VAL A 31 -16.17 -4.09 -11.02
C VAL A 31 -15.17 -4.94 -10.21
N TYR A 32 -14.85 -4.50 -8.97
CA TYR A 32 -13.98 -5.18 -7.98
C TYR A 32 -14.71 -6.36 -7.32
N ALA A 33 -15.89 -6.10 -6.74
CA ALA A 33 -16.72 -7.08 -5.98
C ALA A 33 -16.81 -8.45 -6.75
N GLN A 34 -16.91 -8.22 -8.14
CA GLN A 34 -17.18 -9.29 -9.17
C GLN A 34 -15.95 -10.20 -9.35
N GLU A 35 -14.79 -9.63 -9.69
CA GLU A 35 -13.57 -10.39 -10.12
C GLU A 35 -12.81 -10.91 -8.89
N LYS A 36 -13.19 -10.45 -7.68
CA LYS A 36 -12.58 -10.87 -6.38
C LYS A 36 -12.56 -12.40 -6.24
N GLN A 37 -13.64 -13.09 -6.62
CA GLN A 37 -13.74 -14.58 -6.56
C GLN A 37 -12.53 -15.22 -7.31
N ASP A 38 -12.47 -14.95 -8.66
CA ASP A 38 -11.48 -15.53 -9.61
C ASP A 38 -10.04 -15.20 -9.18
N PHE A 39 -9.86 -14.06 -8.50
CA PHE A 39 -8.55 -13.59 -7.99
C PHE A 39 -8.10 -14.51 -6.85
N VAL A 40 -8.91 -14.62 -5.80
CA VAL A 40 -8.54 -15.43 -4.61
C VAL A 40 -8.40 -16.91 -4.99
N GLN A 41 -9.16 -17.42 -5.97
CA GLN A 41 -9.09 -18.87 -6.32
C GLN A 41 -7.70 -19.18 -6.99
N HIS A 42 -7.21 -18.08 -7.74
CA HIS A 42 -5.94 -18.21 -8.50
C HIS A 42 -4.78 -18.39 -7.52
N PHE A 43 -4.91 -17.88 -6.28
CA PHE A 43 -3.82 -17.94 -5.28
C PHE A 43 -3.36 -19.38 -5.11
N SER A 44 -4.31 -20.29 -5.15
CA SER A 44 -4.06 -21.74 -4.96
C SER A 44 -2.98 -22.20 -5.97
N GLN A 45 -3.15 -21.69 -7.22
CA GLN A 45 -2.24 -21.99 -8.35
C GLN A 45 -0.92 -21.23 -8.18
N ILE A 46 -0.98 -19.94 -7.84
CA ILE A 46 0.22 -19.12 -7.50
C ILE A 46 1.13 -19.99 -6.64
N VAL A 47 0.57 -20.53 -5.55
CA VAL A 47 1.32 -21.39 -4.60
C VAL A 47 1.79 -22.67 -5.30
N ARG A 48 0.92 -23.41 -5.97
CA ARG A 48 1.25 -24.75 -6.54
C ARG A 48 2.58 -24.64 -7.32
N VAL A 49 2.68 -23.58 -8.13
CA VAL A 49 3.80 -23.32 -9.07
C VAL A 49 5.07 -22.95 -8.30
N LEU A 50 4.95 -22.03 -7.35
CA LEU A 50 6.10 -21.55 -6.55
C LEU A 50 6.69 -22.71 -5.74
N THR A 51 5.91 -23.76 -5.50
CA THR A 51 6.32 -24.94 -4.68
C THR A 51 6.52 -26.18 -5.57
N GLU A 52 6.70 -26.03 -6.89
CA GLU A 52 6.68 -27.19 -7.84
C GLU A 52 8.09 -27.77 -8.01
N ASP A 53 9.12 -27.07 -7.53
CA ASP A 53 10.56 -27.43 -7.67
C ASP A 53 10.96 -28.48 -6.60
N GLU A 54 10.02 -28.92 -5.75
CA GLU A 54 10.19 -30.11 -4.85
C GLU A 54 10.28 -31.38 -5.70
N MET A 55 9.48 -31.41 -6.78
CA MET A 55 9.54 -32.42 -7.87
C MET A 55 10.91 -32.31 -8.56
N GLY A 56 11.34 -31.07 -8.86
CA GLY A 56 12.72 -30.75 -9.31
C GLY A 56 13.75 -31.29 -8.33
N HIS A 57 13.82 -30.74 -7.11
CA HIS A 57 14.95 -30.89 -6.15
C HIS A 57 14.46 -31.38 -4.79
N PRO A 58 14.55 -32.71 -4.49
CA PRO A 58 14.11 -33.25 -3.19
C PRO A 58 14.79 -32.59 -1.99
N GLU A 59 16.10 -32.37 -2.13
CA GLU A 59 17.03 -31.68 -1.18
C GLU A 59 16.36 -30.50 -0.44
N ILE A 60 15.71 -29.57 -1.16
CA ILE A 60 15.29 -28.24 -0.63
C ILE A 60 13.83 -28.29 -0.13
N GLY A 61 13.22 -29.48 -0.06
CA GLY A 61 11.77 -29.65 0.20
C GLY A 61 11.30 -28.86 1.42
N ASP A 62 11.97 -29.13 2.55
CA ASP A 62 11.73 -28.46 3.85
C ASP A 62 11.58 -26.94 3.62
N ALA A 63 12.54 -26.34 2.92
CA ALA A 63 12.57 -24.87 2.69
C ALA A 63 11.29 -24.44 1.95
N ILE A 64 10.88 -25.28 0.99
CA ILE A 64 9.71 -24.98 0.14
C ILE A 64 8.44 -25.10 1.00
N ALA A 65 8.30 -26.18 1.76
CA ALA A 65 7.29 -26.28 2.86
C ALA A 65 7.25 -24.93 3.61
N ARG A 66 8.39 -24.43 4.09
CA ARG A 66 8.40 -23.18 4.90
C ARG A 66 7.82 -22.04 4.04
N LEU A 67 8.29 -21.94 2.80
CA LEU A 67 7.84 -20.89 1.85
C LEU A 67 6.30 -20.95 1.69
N LYS A 68 5.73 -22.14 1.62
CA LYS A 68 4.26 -22.34 1.49
C LYS A 68 3.55 -21.64 2.67
N GLU A 69 3.98 -22.02 3.88
CA GLU A 69 3.53 -21.45 5.18
C GLU A 69 3.64 -19.92 5.14
N VAL A 70 4.74 -19.37 4.63
CA VAL A 70 4.95 -17.90 4.62
C VAL A 70 3.86 -17.25 3.73
N LEU A 71 3.69 -17.79 2.53
CA LEU A 71 2.71 -17.29 1.50
C LEU A 71 1.28 -17.36 2.08
N GLU A 72 0.89 -18.54 2.56
CA GLU A 72 -0.48 -18.82 3.05
C GLU A 72 -0.82 -17.82 4.15
N TYR A 73 0.14 -17.52 5.05
CA TYR A 73 -0.09 -16.70 6.27
C TYR A 73 -0.08 -15.21 5.93
N ASN A 74 0.81 -14.76 5.05
CA ASN A 74 1.11 -13.31 4.89
C ASN A 74 0.44 -12.70 3.65
N ALA A 75 0.13 -13.48 2.60
CA ALA A 75 -0.46 -12.96 1.34
C ALA A 75 -2.02 -12.96 1.39
N ILE A 76 -2.61 -13.92 2.09
CA ILE A 76 -4.08 -13.99 2.33
C ILE A 76 -4.47 -13.06 3.50
N GLY A 77 -5.64 -12.42 3.39
CA GLY A 77 -6.40 -11.89 4.54
C GLY A 77 -6.63 -10.38 4.48
N GLY A 78 -6.11 -9.72 3.42
CA GLY A 78 -6.43 -8.30 3.14
C GLY A 78 -7.73 -8.18 2.35
N LYS A 79 -7.92 -7.03 1.69
CA LYS A 79 -9.06 -6.76 0.79
C LYS A 79 -8.62 -6.84 -0.69
N TYR A 80 -7.32 -7.05 -0.97
CA TYR A 80 -6.68 -7.28 -2.31
C TYR A 80 -7.04 -6.12 -3.35
N ASN A 81 -7.19 -4.90 -2.78
CA ASN A 81 -7.51 -3.69 -3.59
C ASN A 81 -6.40 -3.47 -4.61
N ARG A 82 -5.15 -3.60 -4.22
CA ARG A 82 -3.99 -3.29 -5.08
C ARG A 82 -3.92 -4.33 -6.27
N GLY A 83 -3.96 -5.61 -5.88
CA GLY A 83 -3.97 -6.76 -6.82
C GLY A 83 -5.13 -6.67 -7.81
N LEU A 84 -6.34 -6.54 -7.29
CA LEU A 84 -7.55 -6.47 -8.13
C LEU A 84 -7.41 -5.30 -9.10
N THR A 85 -6.75 -4.17 -8.64
CA THR A 85 -6.70 -2.99 -9.54
C THR A 85 -5.97 -3.37 -10.83
N VAL A 86 -4.98 -4.31 -10.71
CA VAL A 86 -4.22 -4.73 -11.93
C VAL A 86 -5.24 -5.36 -12.89
N VAL A 87 -6.13 -6.21 -12.37
CA VAL A 87 -6.98 -7.08 -13.24
C VAL A 87 -8.08 -6.23 -13.92
N VAL A 88 -8.69 -5.37 -13.10
CA VAL A 88 -9.79 -4.43 -13.48
C VAL A 88 -9.26 -3.50 -14.58
N ALA A 89 -8.04 -2.98 -14.42
CA ALA A 89 -7.46 -1.97 -15.32
C ALA A 89 -7.11 -2.64 -16.67
N PHE A 90 -6.65 -3.91 -16.57
CA PHE A 90 -6.29 -4.72 -17.75
C PHE A 90 -7.53 -4.88 -18.63
N ARG A 91 -8.66 -5.27 -18.03
CA ARG A 91 -9.95 -5.47 -18.73
C ARG A 91 -10.38 -4.17 -19.44
N GLU A 92 -10.12 -3.02 -18.75
CA GLU A 92 -10.59 -1.70 -19.24
C GLU A 92 -9.67 -1.17 -20.33
N LEU A 93 -8.43 -1.68 -20.46
CA LEU A 93 -7.36 -1.03 -21.27
C LEU A 93 -7.11 -1.79 -22.59
N VAL A 94 -7.44 -3.09 -22.58
CA VAL A 94 -7.15 -4.06 -23.68
C VAL A 94 -8.45 -4.35 -24.46
N GLU A 95 -8.48 -4.14 -25.78
CA GLU A 95 -9.66 -4.48 -26.63
C GLU A 95 -10.05 -5.93 -26.32
N PRO A 96 -11.36 -6.23 -26.08
CA PRO A 96 -11.76 -7.56 -25.59
C PRO A 96 -11.24 -8.75 -26.45
N ARG A 97 -10.88 -8.49 -27.71
CA ARG A 97 -10.38 -9.49 -28.70
C ARG A 97 -9.05 -10.08 -28.20
N LYS A 98 -8.24 -9.31 -27.46
CA LYS A 98 -6.90 -9.73 -26.96
C LYS A 98 -6.99 -10.20 -25.50
N GLN A 99 -8.21 -10.48 -24.99
CA GLN A 99 -8.41 -11.02 -23.61
C GLN A 99 -8.75 -12.54 -23.68
N ASP A 100 -7.74 -13.35 -24.09
CA ASP A 100 -7.77 -14.84 -24.06
C ASP A 100 -7.45 -15.36 -22.64
N ALA A 101 -7.70 -16.66 -22.41
CA ALA A 101 -7.55 -17.36 -21.11
C ALA A 101 -6.15 -17.09 -20.53
N ASP A 102 -5.12 -17.15 -21.38
CA ASP A 102 -3.70 -17.02 -20.97
C ASP A 102 -3.39 -15.57 -20.61
N SER A 103 -3.98 -14.59 -21.30
CA SER A 103 -3.81 -13.15 -20.98
C SER A 103 -4.35 -12.84 -19.58
N LEU A 104 -5.48 -13.46 -19.22
CA LEU A 104 -6.17 -13.22 -17.93
C LEU A 104 -5.40 -13.91 -16.81
N GLN A 105 -4.93 -15.14 -17.05
CA GLN A 105 -3.97 -15.87 -16.20
C GLN A 105 -2.84 -14.91 -15.76
N ARG A 106 -2.25 -14.16 -16.71
CA ARG A 106 -1.06 -13.28 -16.47
C ARG A 106 -1.48 -12.02 -15.69
N ALA A 107 -2.64 -11.45 -16.01
CA ALA A 107 -3.22 -10.33 -15.24
C ALA A 107 -3.41 -10.76 -13.77
N TRP A 108 -4.02 -11.94 -13.54
CA TRP A 108 -4.23 -12.54 -12.20
C TRP A 108 -2.85 -12.59 -11.53
N THR A 109 -1.86 -13.13 -12.24
CA THR A 109 -0.53 -13.43 -11.65
C THR A 109 0.15 -12.11 -11.24
N VAL A 110 0.05 -11.08 -12.13
CA VAL A 110 0.76 -9.81 -11.88
C VAL A 110 0.07 -9.05 -10.73
N GLY A 111 -1.27 -9.12 -10.63
CA GLY A 111 -2.03 -8.66 -9.44
C GLY A 111 -1.47 -9.31 -8.10
N TRP A 112 -1.40 -10.64 -8.13
CA TRP A 112 -0.79 -11.44 -6.99
C TRP A 112 0.64 -10.93 -6.73
N CYS A 113 1.39 -10.59 -7.78
CA CYS A 113 2.78 -10.05 -7.62
C CYS A 113 2.74 -8.76 -6.79
N VAL A 114 1.76 -7.89 -7.03
CA VAL A 114 1.59 -6.63 -6.26
C VAL A 114 1.27 -6.99 -4.79
N GLU A 115 0.40 -7.97 -4.56
CA GLU A 115 0.00 -8.36 -3.18
C GLU A 115 1.26 -8.89 -2.47
N LEU A 116 2.05 -9.71 -3.16
CA LEU A 116 3.32 -10.28 -2.60
C LEU A 116 4.34 -9.14 -2.26
N LEU A 117 4.44 -8.13 -3.12
CA LEU A 117 5.28 -6.94 -2.78
C LEU A 117 4.75 -6.37 -1.47
N GLN A 118 3.43 -6.17 -1.38
CA GLN A 118 2.88 -5.52 -0.17
C GLN A 118 3.14 -6.42 1.08
N ALA A 119 2.98 -7.73 0.91
CA ALA A 119 3.20 -8.71 2.01
C ALA A 119 4.65 -8.64 2.53
N PHE A 120 5.63 -8.60 1.63
CA PHE A 120 7.09 -8.42 1.89
C PHE A 120 7.28 -7.17 2.77
N PHE A 121 6.74 -6.03 2.32
CA PHE A 121 6.87 -4.74 3.07
C PHE A 121 6.24 -4.85 4.47
N LEU A 122 5.14 -5.60 4.57
CA LEU A 122 4.34 -5.59 5.82
C LEU A 122 5.09 -6.43 6.90
N VAL A 123 5.59 -7.61 6.44
CA VAL A 123 6.23 -8.57 7.38
C VAL A 123 7.43 -7.84 7.98
N ALA A 124 8.15 -7.09 7.14
CA ALA A 124 9.39 -6.38 7.52
C ALA A 124 9.02 -5.15 8.33
N ASP A 125 8.04 -4.38 7.89
CA ASP A 125 7.61 -3.17 8.66
C ASP A 125 7.16 -3.56 10.09
N ASP A 126 6.62 -4.77 10.29
CA ASP A 126 5.99 -5.19 11.57
C ASP A 126 7.12 -5.54 12.54
N ILE A 127 8.21 -6.12 12.05
CA ILE A 127 9.42 -6.38 12.88
C ILE A 127 9.95 -5.01 13.31
N MET A 128 10.20 -4.12 12.36
CA MET A 128 10.82 -2.80 12.67
C MET A 128 9.96 -1.95 13.62
N ASP A 129 8.64 -1.98 13.53
CA ASP A 129 7.70 -1.16 14.35
C ASP A 129 7.43 -1.82 15.72
N SER A 130 7.84 -3.08 15.87
CA SER A 130 7.46 -3.96 17.00
C SER A 130 5.93 -3.98 17.15
N SER A 131 5.23 -4.20 16.04
CA SER A 131 3.75 -4.37 16.00
C SER A 131 3.37 -5.81 16.45
N LEU A 132 2.23 -5.89 17.10
CA LEU A 132 1.68 -7.14 17.71
C LEU A 132 0.59 -7.91 16.85
N THR A 133 -0.13 -7.06 16.08
CA THR A 133 -1.18 -7.56 15.16
C THR A 133 -1.26 -6.73 13.95
N ARG A 134 -1.69 -7.50 12.84
CA ARG A 134 -1.80 -7.15 11.39
C ARG A 134 -3.05 -7.87 10.85
N ARG A 135 -3.93 -7.11 10.18
CA ARG A 135 -5.21 -7.68 9.66
C ARG A 135 -5.86 -8.55 10.74
N GLY A 136 -5.95 -7.98 11.97
CA GLY A 136 -6.49 -8.73 13.14
C GLY A 136 -5.96 -10.17 13.16
N GLN A 137 -4.64 -10.28 13.36
CA GLN A 137 -3.96 -11.61 13.43
C GLN A 137 -2.56 -11.37 14.05
N ILE A 138 -2.10 -12.32 14.86
CA ILE A 138 -0.70 -12.23 15.41
C ILE A 138 0.24 -11.97 14.21
N CYS A 139 0.99 -10.85 14.23
CA CYS A 139 2.05 -10.58 13.22
C CYS A 139 2.91 -11.84 13.13
N TRP A 140 3.34 -12.15 11.92
CA TRP A 140 4.08 -13.40 11.58
C TRP A 140 5.27 -13.52 12.60
N TYR A 141 6.08 -12.46 12.69
CA TYR A 141 7.43 -12.49 13.41
C TYR A 141 7.17 -12.78 14.90
N GLN A 142 5.95 -12.50 15.40
CA GLN A 142 5.54 -12.74 16.81
C GLN A 142 5.07 -14.21 17.05
N LYS A 143 5.03 -15.02 15.90
CA LYS A 143 4.58 -16.44 16.06
C LYS A 143 5.68 -17.25 16.71
N PRO A 144 5.32 -18.16 17.66
CA PRO A 144 6.25 -19.13 18.23
C PRO A 144 7.17 -19.77 17.18
N GLY A 145 8.50 -19.65 17.37
CA GLY A 145 9.50 -20.31 16.51
C GLY A 145 9.78 -19.59 15.20
N VAL A 146 9.32 -18.36 15.02
CA VAL A 146 9.59 -17.56 13.79
C VAL A 146 10.62 -16.47 14.17
N GLY A 147 10.15 -15.48 14.94
CA GLY A 147 10.95 -14.30 15.31
C GLY A 147 11.68 -13.74 14.08
N LEU A 148 12.97 -13.43 14.24
CA LEU A 148 13.78 -12.66 13.26
C LEU A 148 14.07 -13.48 11.97
N ASP A 149 13.85 -14.81 12.03
CA ASP A 149 13.74 -15.66 10.81
C ASP A 149 12.77 -14.99 9.83
N ALA A 150 11.77 -14.24 10.31
CA ALA A 150 10.79 -13.48 9.49
C ALA A 150 11.50 -12.55 8.50
N ILE A 151 12.79 -12.26 8.73
CA ILE A 151 13.54 -11.33 7.82
C ILE A 151 13.82 -12.03 6.44
N ASN A 152 14.29 -13.28 6.55
CA ASN A 152 14.54 -14.19 5.38
C ASN A 152 13.17 -14.43 4.74
N ASP A 153 12.14 -14.68 5.57
CA ASP A 153 10.77 -15.00 5.09
C ASP A 153 10.33 -13.83 4.13
N ALA A 154 10.44 -12.60 4.68
CA ALA A 154 10.13 -11.38 3.91
C ALA A 154 10.95 -11.35 2.60
N ASN A 155 12.23 -11.73 2.61
CA ASN A 155 13.10 -11.69 1.40
C ASN A 155 12.55 -12.67 0.34
N LEU A 156 12.18 -13.89 0.77
CA LEU A 156 11.50 -14.90 -0.08
C LEU A 156 10.25 -14.29 -0.75
N LEU A 157 9.45 -13.56 0.02
CA LEU A 157 8.19 -13.00 -0.55
C LEU A 157 8.56 -12.10 -1.72
N GLU A 158 9.62 -11.32 -1.55
CA GLU A 158 10.08 -10.39 -2.61
C GLU A 158 10.51 -11.23 -3.82
N ALA A 159 11.31 -12.28 -3.58
CA ALA A 159 11.90 -13.14 -4.61
C ALA A 159 10.76 -13.67 -5.50
N CYS A 160 9.70 -14.12 -4.84
CA CYS A 160 8.53 -14.81 -5.46
C CYS A 160 7.95 -13.93 -6.59
N ILE A 161 7.92 -12.61 -6.42
CA ILE A 161 7.49 -11.69 -7.51
C ILE A 161 8.20 -12.08 -8.80
N TYR A 162 9.53 -12.22 -8.75
CA TYR A 162 10.40 -12.28 -9.95
C TYR A 162 10.29 -13.68 -10.52
N ARG A 163 10.14 -14.68 -9.66
N ARG A 163 10.12 -14.68 -9.66
CA ARG A 163 9.87 -16.09 -10.06
CA ARG A 163 9.89 -16.08 -10.09
C ARG A 163 8.58 -16.11 -10.89
C ARG A 163 8.57 -16.13 -10.89
N LEU A 164 7.50 -15.48 -10.41
CA LEU A 164 6.19 -15.49 -11.09
C LEU A 164 6.32 -14.79 -12.44
N LEU A 165 7.03 -13.66 -12.48
CA LEU A 165 7.20 -12.88 -13.73
C LEU A 165 7.94 -13.72 -14.76
N LYS A 166 9.01 -14.42 -14.35
CA LYS A 166 9.73 -15.31 -15.29
C LYS A 166 8.78 -16.43 -15.77
N LEU A 167 8.04 -17.05 -14.85
CA LEU A 167 7.21 -18.26 -15.13
C LEU A 167 6.02 -17.93 -16.05
N TYR A 168 5.49 -16.72 -16.00
CA TYR A 168 4.22 -16.40 -16.70
C TYR A 168 4.48 -15.39 -17.81
N CYS A 169 5.50 -14.53 -17.72
CA CYS A 169 5.65 -13.37 -18.63
C CYS A 169 7.00 -13.31 -19.39
N ARG A 170 7.89 -14.35 -19.28
CA ARG A 170 9.26 -14.20 -19.82
C ARG A 170 9.18 -14.06 -21.36
N GLU A 171 8.20 -14.68 -22.01
CA GLU A 171 8.05 -14.66 -23.49
C GLU A 171 7.36 -13.37 -23.94
N GLN A 172 6.84 -12.54 -23.03
CA GLN A 172 5.99 -11.37 -23.42
C GLN A 172 6.87 -10.14 -23.72
N PRO A 173 6.42 -9.25 -24.64
CA PRO A 173 7.17 -8.03 -24.93
C PRO A 173 7.30 -7.02 -23.77
N TYR A 174 6.48 -7.12 -22.71
CA TYR A 174 6.51 -6.14 -21.59
C TYR A 174 7.32 -6.69 -20.40
N TYR A 175 7.94 -7.88 -20.55
CA TYR A 175 8.63 -8.61 -19.44
C TYR A 175 9.60 -7.69 -18.67
N LEU A 176 10.63 -7.20 -19.37
CA LEU A 176 11.59 -6.26 -18.79
C LEU A 176 10.87 -5.04 -18.20
N ASN A 177 9.87 -4.49 -18.87
CA ASN A 177 9.13 -3.30 -18.34
C ASN A 177 8.60 -3.56 -16.88
N LEU A 178 8.07 -4.79 -16.69
CA LEU A 178 7.43 -5.18 -15.40
C LEU A 178 8.53 -5.39 -14.35
N ILE A 179 9.65 -6.00 -14.71
CA ILE A 179 10.75 -6.22 -13.74
C ILE A 179 11.20 -4.83 -13.23
N GLU A 180 11.45 -3.90 -14.16
CA GLU A 180 11.97 -2.56 -13.81
C GLU A 180 10.96 -1.83 -12.90
N LEU A 181 9.67 -2.02 -13.19
CA LEU A 181 8.57 -1.34 -12.45
C LEU A 181 8.57 -1.83 -10.97
N PHE A 182 8.57 -3.15 -10.80
CA PHE A 182 8.52 -3.79 -9.47
C PHE A 182 9.76 -3.36 -8.68
N LEU A 183 10.94 -3.43 -9.32
CA LEU A 183 12.22 -3.07 -8.68
C LEU A 183 12.13 -1.60 -8.34
N GLN A 184 11.79 -0.74 -9.29
CA GLN A 184 11.77 0.70 -8.95
C GLN A 184 10.80 0.91 -7.74
N SER A 185 9.66 0.20 -7.74
CA SER A 185 8.53 0.41 -6.76
C SER A 185 9.09 0.06 -5.36
N SER A 186 9.79 -1.07 -5.29
CA SER A 186 10.56 -1.57 -4.13
C SER A 186 11.49 -0.45 -3.56
N TYR A 187 12.33 0.09 -4.47
CA TYR A 187 13.29 1.17 -4.14
C TYR A 187 12.53 2.42 -3.63
N GLN A 188 11.44 2.83 -4.28
CA GLN A 188 10.73 4.07 -3.88
C GLN A 188 10.19 3.86 -2.46
N THR A 189 9.66 2.65 -2.18
CA THR A 189 9.00 2.31 -0.89
C THR A 189 10.09 2.30 0.20
N GLU A 190 11.18 1.58 -0.03
CA GLU A 190 12.34 1.48 0.90
C GLU A 190 12.84 2.90 1.25
N ILE A 191 12.98 3.76 0.23
CA ILE A 191 13.36 5.18 0.45
C ILE A 191 12.35 5.83 1.41
N GLY A 192 11.06 5.71 1.12
CA GLY A 192 10.00 6.25 1.99
C GLY A 192 10.15 5.73 3.41
N GLN A 193 10.37 4.42 3.55
CA GLN A 193 10.54 3.79 4.88
C GLN A 193 11.72 4.48 5.60
N THR A 194 12.83 4.68 4.91
CA THR A 194 14.01 5.36 5.48
C THR A 194 13.57 6.71 6.02
N LEU A 195 12.87 7.46 5.17
CA LEU A 195 12.57 8.87 5.49
C LEU A 195 11.73 8.91 6.77
N ASP A 196 10.84 7.91 6.89
CA ASP A 196 9.84 7.81 7.98
C ASP A 196 10.59 7.55 9.28
N LEU A 197 11.35 6.45 9.31
CA LEU A 197 12.26 6.03 10.40
C LEU A 197 13.16 7.20 10.87
N LEU A 198 13.73 7.98 9.95
CA LEU A 198 14.51 9.18 10.35
C LEU A 198 13.59 10.19 11.05
N THR A 199 12.35 10.33 10.58
CA THR A 199 11.43 11.44 10.94
C THR A 199 10.75 11.15 12.31
N ALA A 200 10.45 9.87 12.57
CA ALA A 200 9.66 9.41 13.74
C ALA A 200 10.38 8.34 14.53
N PRO A 201 11.60 8.60 15.10
CA PRO A 201 12.19 7.65 16.02
C PRO A 201 11.27 7.44 17.25
N GLN A 202 10.54 6.32 17.28
CA GLN A 202 9.77 5.84 18.45
C GLN A 202 10.72 5.80 19.66
N GLY A 203 10.37 6.48 20.76
CA GLY A 203 11.24 6.70 21.94
C GLY A 203 11.95 8.04 21.87
N ASN A 204 11.58 8.86 20.89
CA ASN A 204 12.15 10.21 20.62
C ASN A 204 11.01 11.14 20.17
N VAL A 205 10.40 11.87 21.12
CA VAL A 205 9.31 12.85 20.85
C VAL A 205 9.98 14.14 20.37
N ASP A 206 10.15 14.25 19.04
CA ASP A 206 10.59 15.49 18.36
C ASP A 206 9.59 15.81 17.25
N LEU A 207 8.96 16.97 17.37
CA LEU A 207 7.82 17.43 16.53
C LEU A 207 8.33 18.39 15.47
N VAL A 208 9.59 18.83 15.57
CA VAL A 208 10.16 19.86 14.67
C VAL A 208 10.40 19.24 13.28
N ARG A 209 10.56 17.93 13.18
CA ARG A 209 10.81 17.30 11.87
C ARG A 209 9.47 16.93 11.20
N PHE A 210 8.34 17.15 11.89
CA PHE A 210 6.95 16.79 11.47
C PHE A 210 6.32 17.93 10.68
N THR A 211 6.83 18.17 9.47
CA THR A 211 6.41 19.30 8.59
C THR A 211 5.61 18.79 7.38
N GLU A 212 4.84 19.69 6.77
CA GLU A 212 3.98 19.35 5.62
C GLU A 212 4.86 18.80 4.48
N LYS A 213 5.90 19.54 4.10
CA LYS A 213 6.84 19.13 3.03
C LYS A 213 7.20 17.65 3.29
N ARG A 214 7.59 17.34 4.54
CA ARG A 214 8.16 16.04 4.95
C ARG A 214 7.07 14.97 5.01
N TYR A 215 5.90 15.30 5.57
CA TYR A 215 4.72 14.39 5.53
C TYR A 215 4.42 13.97 4.08
N LYS A 216 4.36 14.96 3.18
CA LYS A 216 4.01 14.73 1.75
C LYS A 216 5.02 13.76 1.12
N SER A 217 6.32 13.99 1.33
CA SER A 217 7.41 13.14 0.77
C SER A 217 7.28 11.67 1.23
N ILE A 218 7.08 11.47 2.55
CA ILE A 218 6.96 10.11 3.13
C ILE A 218 5.83 9.36 2.39
N VAL A 219 4.71 10.03 2.22
CA VAL A 219 3.48 9.40 1.65
C VAL A 219 3.80 8.99 0.19
N LYS A 220 4.38 9.95 -0.53
CA LYS A 220 4.69 9.79 -1.97
C LYS A 220 5.55 8.55 -2.15
N TYR A 221 6.62 8.39 -1.37
CA TYR A 221 7.61 7.32 -1.61
C TYR A 221 7.18 5.99 -0.95
N LYS A 222 6.62 6.11 0.31
CA LYS A 222 6.34 4.93 1.17
C LYS A 222 5.05 4.23 0.74
N THR A 223 4.03 4.98 0.29
CA THR A 223 2.65 4.47 0.08
C THR A 223 2.13 4.61 -1.39
N ALA A 224 2.23 5.82 -1.94
CA ALA A 224 1.53 6.29 -3.17
C ALA A 224 2.03 5.57 -4.42
N PHE A 225 3.36 5.49 -4.65
N PHE A 225 3.37 5.48 -4.62
CA PHE A 225 3.93 4.81 -5.85
CA PHE A 225 4.01 4.84 -5.80
C PHE A 225 3.34 3.37 -5.90
C PHE A 225 3.46 3.39 -5.94
N TYR A 226 3.61 2.57 -4.85
CA TYR A 226 3.34 1.11 -4.92
C TYR A 226 1.81 0.79 -4.89
N SER A 227 1.05 1.69 -4.23
CA SER A 227 -0.39 1.46 -3.91
C SER A 227 -1.26 1.95 -5.08
N PHE A 228 -0.88 3.05 -5.73
CA PHE A 228 -1.68 3.68 -6.82
C PHE A 228 -0.96 3.55 -8.16
N TYR A 229 0.30 4.00 -8.28
CA TYR A 229 0.97 4.03 -9.62
C TYR A 229 1.22 2.58 -10.05
N LEU A 230 1.89 1.80 -9.21
CA LEU A 230 2.41 0.46 -9.60
C LEU A 230 1.31 -0.38 -10.29
N PRO A 231 0.14 -0.66 -9.67
CA PRO A 231 -0.80 -1.62 -10.25
C PRO A 231 -1.42 -1.19 -11.65
N ILE A 232 -1.69 0.12 -11.76
CA ILE A 232 -2.19 0.74 -13.02
C ILE A 232 -1.06 0.69 -14.05
N ALA A 233 0.18 1.02 -13.67
CA ALA A 233 1.34 1.07 -14.60
C ALA A 233 1.59 -0.36 -15.17
N ALA A 234 1.45 -1.35 -14.27
CA ALA A 234 1.54 -2.78 -14.61
C ALA A 234 0.51 -3.11 -15.71
N ALA A 235 -0.76 -2.77 -15.51
CA ALA A 235 -1.86 -3.01 -16.48
C ALA A 235 -1.51 -2.33 -17.84
N MET A 236 -1.01 -1.08 -17.77
CA MET A 236 -0.64 -0.26 -18.95
C MET A 236 0.42 -1.01 -19.80
N TYR A 237 1.47 -1.53 -19.16
CA TYR A 237 2.58 -2.24 -19.88
C TYR A 237 2.04 -3.55 -20.50
N MET A 238 1.14 -4.20 -19.74
CA MET A 238 0.53 -5.48 -20.16
C MET A 238 -0.36 -5.18 -21.38
N ALA A 239 -0.81 -3.93 -21.54
CA ALA A 239 -1.73 -3.52 -22.62
C ALA A 239 -0.96 -2.90 -23.81
N GLY A 240 0.38 -2.91 -23.84
CA GLY A 240 1.16 -2.29 -24.94
C GLY A 240 1.25 -0.78 -24.85
N ILE A 241 0.81 -0.22 -23.67
CA ILE A 241 0.94 1.25 -23.35
C ILE A 241 2.22 1.43 -22.51
N ASP A 242 3.35 1.62 -23.20
CA ASP A 242 4.70 1.68 -22.61
C ASP A 242 5.28 3.12 -22.70
N GLY A 243 4.58 4.06 -23.33
CA GLY A 243 5.10 5.43 -23.59
C GLY A 243 5.34 6.21 -22.32
N GLU A 244 6.40 7.02 -22.27
CA GLU A 244 6.88 7.71 -21.04
C GLU A 244 5.90 8.81 -20.65
N LYS A 245 5.34 9.53 -21.62
CA LYS A 245 4.35 10.63 -21.39
C LYS A 245 3.04 10.05 -20.81
N GLU A 246 2.57 8.92 -21.36
CA GLU A 246 1.37 8.21 -20.88
C GLU A 246 1.58 7.92 -19.39
N HIS A 247 2.68 7.26 -19.06
CA HIS A 247 3.02 6.82 -17.68
C HIS A 247 3.21 8.04 -16.76
N ALA A 248 3.89 9.10 -17.26
CA ALA A 248 4.00 10.37 -16.51
C ALA A 248 2.61 10.92 -16.18
N ASN A 249 1.70 10.97 -17.19
CA ASN A 249 0.35 11.57 -17.01
C ASN A 249 -0.40 10.79 -15.89
N ALA A 250 -0.50 9.45 -16.08
CA ALA A 250 -1.16 8.53 -15.14
C ALA A 250 -0.54 8.73 -13.73
N LYS A 251 0.80 8.83 -13.66
CA LYS A 251 1.54 8.99 -12.38
C LYS A 251 1.04 10.27 -11.67
N LYS A 252 0.89 11.36 -12.46
CA LYS A 252 0.48 12.66 -11.90
C LYS A 252 -0.87 12.46 -11.18
N ILE A 253 -1.79 11.72 -11.81
CA ILE A 253 -3.16 11.52 -11.23
C ILE A 253 -3.03 10.68 -9.97
N LEU A 254 -2.29 9.57 -10.09
CA LEU A 254 -2.32 8.44 -9.12
C LEU A 254 -1.56 8.78 -7.83
N LEU A 255 -0.46 9.51 -7.92
CA LEU A 255 0.29 9.96 -6.73
C LEU A 255 -0.58 10.92 -5.93
N GLU A 256 -1.41 11.74 -6.58
CA GLU A 256 -2.31 12.67 -5.83
C GLU A 256 -3.43 11.84 -5.16
N MET A 257 -3.98 10.84 -5.83
CA MET A 257 -4.97 9.93 -5.19
C MET A 257 -4.32 9.33 -3.93
N GLY A 258 -3.09 8.82 -4.06
CA GLY A 258 -2.28 8.20 -2.98
C GLY A 258 -2.13 9.13 -1.75
N GLU A 259 -1.87 10.43 -2.03
CA GLU A 259 -1.75 11.47 -0.98
C GLU A 259 -3.07 11.52 -0.20
N PHE A 260 -4.20 11.65 -0.89
CA PHE A 260 -5.53 11.78 -0.22
C PHE A 260 -5.79 10.50 0.63
N PHE A 261 -5.56 9.34 0.01
CA PHE A 261 -5.83 8.02 0.64
C PHE A 261 -5.21 7.99 2.04
N GLN A 262 -3.93 8.36 2.13
CA GLN A 262 -3.16 8.20 3.38
C GLN A 262 -3.63 9.25 4.40
N ILE A 263 -3.92 10.45 3.90
CA ILE A 263 -4.45 11.54 4.75
C ILE A 263 -5.77 11.05 5.37
N GLN A 264 -6.57 10.29 4.62
CA GLN A 264 -7.89 9.82 5.11
C GLN A 264 -7.62 8.70 6.12
N ASP A 265 -6.65 7.84 5.80
CA ASP A 265 -6.13 6.76 6.68
C ASP A 265 -5.81 7.34 8.07
N ASP A 266 -5.12 8.50 8.09
CA ASP A 266 -4.62 9.19 9.31
C ASP A 266 -5.79 9.83 10.06
N TYR A 267 -6.72 10.48 9.33
CA TYR A 267 -7.93 11.08 9.95
C TYR A 267 -8.69 9.99 10.71
N LEU A 268 -8.90 8.85 10.04
CA LEU A 268 -9.83 7.79 10.51
C LEU A 268 -9.16 6.91 11.57
N ASP A 269 -7.84 6.90 11.63
CA ASP A 269 -7.08 6.22 12.72
C ASP A 269 -7.65 6.74 14.06
N LEU A 270 -7.93 8.04 14.15
CA LEU A 270 -8.41 8.70 15.39
C LEU A 270 -9.94 8.84 15.39
N PHE A 271 -10.53 9.39 14.33
CA PHE A 271 -11.96 9.82 14.31
C PHE A 271 -12.85 8.78 13.63
N GLY A 272 -12.21 7.80 12.96
CA GLY A 272 -12.90 6.69 12.32
C GLY A 272 -13.66 5.90 13.35
N ASP A 273 -14.91 5.57 13.07
CA ASP A 273 -15.69 4.56 13.82
C ASP A 273 -14.93 3.24 13.67
N PRO A 274 -14.46 2.63 14.77
CA PRO A 274 -13.69 1.38 14.69
C PRO A 274 -14.39 0.17 14.05
N SER A 275 -15.72 0.03 14.24
CA SER A 275 -16.53 -1.05 13.62
C SER A 275 -16.67 -0.80 12.10
N VAL A 276 -16.66 0.47 11.67
CA VAL A 276 -16.69 0.88 10.23
C VAL A 276 -15.34 0.53 9.59
N THR A 277 -14.26 1.19 10.05
CA THR A 277 -12.88 1.13 9.49
C THR A 277 -12.39 -0.31 9.44
N GLY A 278 -12.44 -0.99 10.59
CA GLY A 278 -11.91 -2.35 10.80
C GLY A 278 -10.58 -2.32 11.54
N LYS A 279 -10.45 -1.44 12.53
CA LYS A 279 -9.18 -1.15 13.25
C LYS A 279 -9.40 0.00 14.24
N ILE A 280 -8.58 0.02 15.31
CA ILE A 280 -8.55 1.10 16.33
C ILE A 280 -7.14 1.70 16.30
N GLY A 281 -7.06 3.04 16.19
CA GLY A 281 -5.85 3.76 15.81
C GLY A 281 -4.89 3.99 16.97
N THR A 282 -3.60 3.75 16.74
CA THR A 282 -2.53 3.91 17.75
C THR A 282 -1.52 4.98 17.27
N ASP A 283 -1.86 5.74 16.21
CA ASP A 283 -0.94 6.75 15.63
C ASP A 283 -0.36 7.67 16.72
N ILE A 284 -1.16 8.06 17.71
CA ILE A 284 -0.73 9.05 18.75
C ILE A 284 0.35 8.41 19.64
N GLN A 285 0.05 7.26 20.26
CA GLN A 285 0.99 6.41 21.05
C GLN A 285 2.31 6.17 20.28
N ASP A 286 2.27 6.08 18.94
CA ASP A 286 3.38 5.54 18.11
C ASP A 286 4.26 6.69 17.52
N ASN A 287 3.90 7.96 17.94
CA ASN A 287 4.68 9.19 17.62
C ASN A 287 4.75 9.25 16.10
N LYS A 288 3.66 8.90 15.40
CA LYS A 288 3.62 8.92 13.92
C LYS A 288 3.62 10.40 13.42
N CYS A 289 4.25 10.56 12.22
CA CYS A 289 4.10 11.77 11.40
C CYS A 289 2.78 11.59 10.64
N SER A 290 1.66 11.77 11.35
CA SER A 290 0.27 11.70 10.83
C SER A 290 -0.14 13.11 10.38
N TRP A 291 -0.85 13.17 9.24
CA TRP A 291 -1.44 14.43 8.71
C TRP A 291 -2.01 15.26 9.86
N LEU A 292 -2.61 14.59 10.85
CA LEU A 292 -3.34 15.26 11.97
C LEU A 292 -2.36 16.12 12.79
N VAL A 293 -1.26 15.54 13.31
CA VAL A 293 -0.27 16.32 14.11
C VAL A 293 0.29 17.46 13.24
N VAL A 294 0.52 17.19 11.94
CA VAL A 294 1.15 18.18 11.00
C VAL A 294 0.28 19.45 10.98
N GLN A 295 -1.04 19.24 10.84
CA GLN A 295 -2.05 20.33 10.79
C GLN A 295 -2.11 20.96 12.18
N CYS A 296 -2.24 20.14 13.22
CA CYS A 296 -2.21 20.58 14.63
C CYS A 296 -1.06 21.55 14.87
N LEU A 297 0.15 21.23 14.39
CA LEU A 297 1.39 22.04 14.60
C LEU A 297 1.32 23.34 13.79
N GLN A 298 0.77 23.32 12.57
CA GLN A 298 0.61 24.52 11.70
C GLN A 298 -0.32 25.56 12.36
N ARG A 299 -1.05 25.17 13.42
CA ARG A 299 -2.23 25.92 13.95
C ARG A 299 -2.04 26.29 15.42
N ALA A 300 -1.33 25.48 16.22
CA ALA A 300 -1.18 25.62 17.68
C ALA A 300 -0.48 26.94 18.06
N THR A 301 -0.88 27.51 19.20
CA THR A 301 -0.14 28.56 19.95
C THR A 301 0.89 27.87 20.84
N PRO A 302 1.98 28.56 21.25
CA PRO A 302 3.06 27.90 22.02
C PRO A 302 2.57 27.11 23.25
N GLU A 303 1.51 27.62 23.91
CA GLU A 303 0.82 26.93 25.04
C GLU A 303 0.46 25.50 24.55
N GLN A 304 -0.16 25.44 23.38
CA GLN A 304 -0.74 24.19 22.81
C GLN A 304 0.38 23.23 22.34
N TYR A 305 1.45 23.84 21.71
CA TYR A 305 2.70 23.12 21.34
C TYR A 305 3.17 22.26 22.52
N GLN A 306 3.12 22.83 23.72
CA GLN A 306 3.61 22.21 24.98
C GLN A 306 2.66 21.07 25.39
N ILE A 307 1.34 21.31 25.45
CA ILE A 307 0.36 20.27 25.86
C ILE A 307 0.59 19.01 25.03
N LEU A 308 0.83 19.20 23.72
CA LEU A 308 1.12 18.15 22.72
C LEU A 308 2.49 17.54 23.01
N LYS A 309 3.55 18.36 22.99
CA LYS A 309 4.95 17.99 23.36
C LYS A 309 4.91 17.14 24.63
N GLU A 310 4.00 17.45 25.55
CA GLU A 310 3.73 16.65 26.78
C GLU A 310 3.20 15.26 26.39
N ASN A 311 2.12 15.21 25.60
CA ASN A 311 1.18 14.06 25.51
C ASN A 311 1.44 13.17 24.27
N TYR A 312 2.00 13.73 23.18
CA TYR A 312 2.17 12.97 21.92
C TYR A 312 3.28 11.94 22.11
N GLY A 313 2.89 10.67 22.04
CA GLY A 313 3.84 9.54 21.93
C GLY A 313 3.89 8.72 23.19
N GLN A 314 2.97 8.96 24.13
CA GLN A 314 2.90 8.17 25.38
C GLN A 314 1.70 7.24 25.27
N LYS A 315 1.74 6.12 26.00
CA LYS A 315 0.75 5.02 25.95
C LYS A 315 -0.46 5.31 26.87
N GLU A 316 -0.37 6.35 27.71
CA GLU A 316 -1.35 6.65 28.79
C GLU A 316 -2.62 7.23 28.16
N ALA A 317 -3.75 6.53 28.36
CA ALA A 317 -5.09 6.79 27.76
C ALA A 317 -5.60 8.23 27.99
N GLU A 318 -5.16 8.91 29.06
CA GLU A 318 -5.60 10.29 29.44
C GLU A 318 -4.67 11.33 28.79
N LYS A 319 -3.46 10.92 28.41
CA LYS A 319 -2.47 11.75 27.66
C LYS A 319 -2.69 11.53 26.15
N VAL A 320 -3.71 10.73 25.79
CA VAL A 320 -4.10 10.38 24.39
C VAL A 320 -5.51 10.93 24.13
N ALA A 321 -6.39 10.89 25.13
CA ALA A 321 -7.67 11.63 25.18
C ALA A 321 -7.39 13.14 25.08
N ARG A 322 -6.19 13.54 25.58
CA ARG A 322 -5.82 14.97 25.79
C ARG A 322 -5.38 15.55 24.46
N VAL A 323 -4.84 14.73 23.55
CA VAL A 323 -4.46 15.15 22.15
C VAL A 323 -5.73 15.20 21.30
N LYS A 324 -6.51 14.12 21.30
CA LYS A 324 -7.83 14.01 20.63
C LYS A 324 -8.69 15.26 20.92
N ALA A 325 -8.78 15.66 22.20
CA ALA A 325 -9.51 16.85 22.66
C ALA A 325 -8.94 18.13 22.02
N LEU A 326 -7.60 18.19 21.88
CA LEU A 326 -6.87 19.38 21.35
C LEU A 326 -7.08 19.47 19.84
N TYR A 327 -6.98 18.31 19.17
CA TYR A 327 -7.35 18.14 17.74
C TYR A 327 -8.79 18.66 17.58
N GLU A 328 -9.70 18.21 18.46
CA GLU A 328 -11.13 18.59 18.36
C GLU A 328 -11.22 20.11 18.50
N GLU A 329 -10.62 20.67 19.56
CA GLU A 329 -10.70 22.12 19.91
C GLU A 329 -10.11 22.96 18.77
N LEU A 330 -9.20 22.41 17.96
CA LEU A 330 -8.66 23.11 16.76
C LEU A 330 -9.50 22.79 15.49
N ASP A 331 -10.72 22.24 15.64
CA ASP A 331 -11.65 21.82 14.55
C ASP A 331 -10.89 21.20 13.37
N LEU A 332 -10.16 20.11 13.60
CA LEU A 332 -9.43 19.37 12.55
C LEU A 332 -10.39 18.48 11.75
N PRO A 333 -11.45 17.88 12.36
CA PRO A 333 -12.47 17.17 11.59
C PRO A 333 -13.11 18.04 10.49
N ALA A 334 -13.27 19.33 10.81
CA ALA A 334 -13.73 20.38 9.88
C ALA A 334 -12.64 20.57 8.81
N VAL A 335 -11.40 20.84 9.23
CA VAL A 335 -10.23 21.07 8.32
C VAL A 335 -10.13 19.92 7.29
N PHE A 336 -10.39 18.69 7.74
CA PHE A 336 -10.37 17.46 6.92
C PHE A 336 -11.50 17.50 5.89
N LEU A 337 -12.73 17.78 6.34
CA LEU A 337 -13.92 17.79 5.47
C LEU A 337 -13.68 18.78 4.31
N GLN A 338 -13.14 19.95 4.62
CA GLN A 338 -12.74 20.98 3.62
C GLN A 338 -11.66 20.41 2.71
N TYR A 339 -10.63 19.78 3.27
CA TYR A 339 -9.53 19.15 2.47
C TYR A 339 -10.16 18.09 1.57
N GLU A 340 -11.11 17.28 2.06
CA GLU A 340 -11.72 16.16 1.28
C GLU A 340 -12.49 16.74 0.08
N GLU A 341 -13.12 17.90 0.24
CA GLU A 341 -13.86 18.58 -0.85
C GLU A 341 -12.86 19.10 -1.88
N ASP A 342 -11.89 19.90 -1.43
CA ASP A 342 -10.86 20.53 -2.32
C ASP A 342 -10.13 19.41 -3.08
N SER A 343 -9.78 18.34 -2.38
CA SER A 343 -9.03 17.18 -2.92
C SER A 343 -9.87 16.53 -4.03
N TYR A 344 -11.17 16.32 -3.80
CA TYR A 344 -12.09 15.71 -4.79
C TYR A 344 -12.12 16.55 -6.08
N SER A 345 -12.27 17.87 -5.97
CA SER A 345 -12.24 18.79 -7.14
C SER A 345 -10.91 18.62 -7.89
N HIS A 346 -9.79 18.54 -7.17
CA HIS A 346 -8.42 18.55 -7.75
C HIS A 346 -8.21 17.26 -8.54
N ILE A 347 -8.64 16.13 -7.97
CA ILE A 347 -8.52 14.81 -8.65
C ILE A 347 -9.33 14.84 -9.95
N MET A 348 -10.52 15.42 -9.94
CA MET A 348 -11.45 15.36 -11.10
C MET A 348 -10.83 16.22 -12.23
N ALA A 349 -10.25 17.37 -11.89
CA ALA A 349 -9.51 18.24 -12.82
C ALA A 349 -8.31 17.48 -13.38
N LEU A 350 -7.57 16.80 -12.50
CA LEU A 350 -6.41 16.02 -12.97
C LEU A 350 -6.87 14.94 -13.95
N ILE A 351 -8.01 14.30 -13.69
CA ILE A 351 -8.50 13.23 -14.59
C ILE A 351 -8.90 13.85 -15.94
N GLU A 352 -9.60 14.99 -15.94
CA GLU A 352 -9.96 15.70 -17.19
C GLU A 352 -8.67 15.92 -17.97
N GLN A 353 -7.63 16.46 -17.34
CA GLN A 353 -6.40 16.91 -18.04
C GLN A 353 -5.52 15.74 -18.50
N TYR A 354 -5.32 14.71 -17.67
CA TYR A 354 -4.16 13.78 -17.83
C TYR A 354 -4.62 12.32 -18.13
N ALA A 355 -5.95 12.06 -18.12
CA ALA A 355 -6.47 10.68 -18.30
C ALA A 355 -6.23 10.22 -19.74
N ALA A 356 -6.56 11.08 -20.71
CA ALA A 356 -6.49 10.82 -22.16
C ALA A 356 -5.07 10.33 -22.49
N PRO A 357 -4.93 9.25 -23.30
CA PRO A 357 -6.07 8.61 -23.96
C PRO A 357 -6.56 7.30 -23.27
N LEU A 358 -6.30 7.17 -21.96
CA LEU A 358 -6.91 6.06 -21.16
C LEU A 358 -8.42 6.44 -20.91
N PRO A 359 -9.26 5.37 -20.80
CA PRO A 359 -10.66 5.51 -20.33
C PRO A 359 -10.68 6.13 -18.94
N PRO A 360 -11.29 7.32 -18.78
CA PRO A 360 -11.39 7.95 -17.47
C PRO A 360 -11.89 6.99 -16.37
N ALA A 361 -12.65 5.99 -16.78
CA ALA A 361 -13.17 4.92 -15.89
C ALA A 361 -12.03 4.26 -15.10
N VAL A 362 -10.83 4.18 -15.65
CA VAL A 362 -9.64 3.53 -15.00
C VAL A 362 -9.44 4.23 -13.64
N PHE A 363 -9.35 5.55 -13.73
CA PHE A 363 -9.14 6.50 -12.60
C PHE A 363 -10.40 6.59 -11.74
N LEU A 364 -11.57 6.67 -12.36
CA LEU A 364 -12.84 6.97 -11.64
C LEU A 364 -13.20 5.79 -10.70
N GLY A 365 -12.96 4.55 -11.19
CA GLY A 365 -13.18 3.35 -10.39
C GLY A 365 -12.38 3.40 -9.09
N LEU A 366 -11.12 3.84 -9.16
CA LEU A 366 -10.27 3.98 -7.95
C LEU A 366 -10.80 5.13 -7.11
N ALA A 367 -10.94 6.31 -7.72
CA ALA A 367 -11.41 7.52 -7.00
C ALA A 367 -12.68 7.18 -6.18
N ARG A 368 -13.50 6.24 -6.64
CA ARG A 368 -14.77 5.91 -5.97
C ARG A 368 -14.53 4.95 -4.81
N LYS A 369 -13.54 4.06 -4.91
CA LYS A 369 -13.24 3.12 -3.79
C LYS A 369 -12.75 3.92 -2.57
N ILE A 370 -12.02 5.01 -2.78
CA ILE A 370 -11.28 5.72 -1.70
C ILE A 370 -12.05 6.95 -1.23
N TYR A 371 -12.87 7.57 -2.07
CA TYR A 371 -13.74 8.70 -1.65
C TYR A 371 -15.05 8.12 -1.11
N LYS A 372 -15.16 6.79 -0.98
CA LYS A 372 -16.27 6.02 -0.31
C LYS A 372 -16.10 6.08 1.22
C4 M2Y B . -9.54 -0.43 3.33
C5 M2Y B . -9.54 0.08 2.08
C6 M2Y B . -10.67 0.68 1.63
N1 M2Y B . -11.78 0.78 2.39
N3 M2Y B . -10.63 -0.36 4.14
CAN M2Y B . -8.45 0.96 -2.38
CAO M2Y B . -7.60 1.10 -3.47
CLAZ M2Y B . -8.33 1.32 -5.04
CAP M2Y B . -6.21 1.08 -3.32
CAS M2Y B . -5.35 1.22 -4.41
CAQ M2Y B . -5.68 0.91 -2.04
CAR M2Y B . -6.54 0.76 -0.94
CAM M2Y B . -7.94 0.79 -1.09
CAJ M2Y B . -8.80 0.66 -0.02
SAK M2Y B . -10.37 1.22 0.04
CAI M2Y B . -8.53 0.08 1.16
C2 M2Y B . -11.79 0.26 3.69
NAA M2Y B . -8.40 -1.02 3.76
CAB M2Y B . -8.14 -1.48 5.13
PBA M2Y B . -7.19 -3.07 4.98
OBC M2Y B . -7.80 -3.81 3.66
OBD M2Y B . -7.53 -4.07 6.21
OBB M2Y B . -5.74 -2.78 4.91
CAL M2Y B . -7.29 -0.44 5.88
CAT M2Y B . -7.93 0.79 5.89
CAU M2Y B . -8.93 1.04 6.84
CAV M2Y B . -9.59 2.27 6.86
CAW M2Y B . -9.27 3.25 5.92
CAX M2Y B . -8.28 3.00 4.96
CAY M2Y B . -7.61 1.77 4.95
C4 M2Y C . -19.48 10.87 -0.38
C5 M2Y C . -19.47 10.72 -1.73
C6 M2Y C . -20.61 11.02 -2.39
N1 M2Y C . -21.73 11.45 -1.77
N3 M2Y C . -20.57 11.28 0.29
CAN M2Y C . -18.62 9.38 -6.09
CAO M2Y C . -17.83 9.07 -7.19
CLAZ M2Y C . -18.56 8.34 -8.60
CAP M2Y C . -16.46 9.32 -7.18
CAS M2Y C . -15.67 9.00 -8.28
CAQ M2Y C . -15.90 9.89 -6.04
CAR M2Y C . -16.70 10.22 -4.94
CAM M2Y C . -18.07 9.96 -4.94
CAJ M2Y C . -18.83 10.30 -3.87
SAK M2Y C . -20.34 10.79 -3.96
CAI M2Y C . -18.47 10.32 -2.57
C2 M2Y C . -21.74 11.59 -0.39
NAA M2Y C . -18.36 10.57 0.30
CAB M2Y C . -18.21 10.91 1.73
PBA M2Y C . -17.69 9.38 2.60
OBC M2Y C . -17.55 9.82 4.14
OBD M2Y C . -16.16 9.08 2.12
OBB M2Y C . -18.60 8.22 2.37
CAL M2Y C . -17.15 12.01 2.01
CAT M2Y C . -17.09 13.02 1.07
CAU M2Y C . -17.60 14.30 1.35
CAV M2Y C . -17.52 15.31 0.40
CAW M2Y C . -16.92 15.07 -0.84
CAX M2Y C . -16.41 13.80 -1.13
CAY M2Y C . -16.49 12.80 -0.18
P PO4 D . -4.19 -4.82 3.08
P PO4 D . -6.14 -3.76 0.73
O1 PO4 D . -4.58 -5.75 1.94
O1 PO4 D . -6.64 -5.09 0.22
O2 PO4 D . -2.68 -4.75 3.20
O2 PO4 D . -5.20 -3.16 -0.30
O3 PO4 D . -4.73 -3.42 2.80
O3 PO4 D . -7.30 -2.82 0.95
O4 PO4 D . -4.77 -5.36 4.39
O4 PO4 D . -5.39 -3.97 2.05
#